data_6AAL
#
_entry.id   6AAL
#
_cell.length_a   46.342
_cell.length_b   86.000
_cell.length_c   123.832
_cell.angle_alpha   90.00
_cell.angle_beta   90.00
_cell.angle_gamma   90.00
#
_symmetry.space_group_name_H-M   'P 21 21 21'
#
loop_
_entity.id
_entity.type
_entity.pdbx_description
1 polymer 'Putative amino acid-binding periplasmic ABC transporter protein'
2 non-polymer 1,2-ETHANEDIOL
3 non-polymer 'SULFATE ION'
4 non-polymer ARGININE
5 non-polymer 'ACETATE ION'
6 water water
#
_entity_poly.entity_id   1
_entity_poly.type   'polypeptide(L)'
_entity_poly.pdbx_seq_one_letter_code
;MFRTEDQSALRVGTDGIYPPHSFHAQDGRGELTGFDIDLIKEVAHRLNLKVEFFETAVSGLITGLDTNRYDVLVNVAITP
ERQKKYDFSIPYIAHRVLLVVRSDQQDIRSFKDLTDKTVAQILGTDLSRFAKELKSHLVFSHNFEQSLQLLLSKRTDATM
IPDIPFFNFLERRPHDGNLFKIADRMKDNSAVAFMMRKGNNKLTRSINEILCAIHLDGTYKKIFDRYFDKNIISSVPGCS
S
;
_entity_poly.pdbx_strand_id   A,B
#
loop_
_chem_comp.id
_chem_comp.type
_chem_comp.name
_chem_comp.formula
ACT non-polymer 'ACETATE ION' 'C2 H3 O2 -1'
EDO non-polymer 1,2-ETHANEDIOL 'C2 H6 O2'
SO4 non-polymer 'SULFATE ION' 'O4 S -2'
#
# COMPACT_ATOMS: atom_id res chain seq x y z
N SER A 8 -18.30 22.51 -8.82
CA SER A 8 -19.28 21.40 -9.05
C SER A 8 -19.49 20.49 -7.82
N ALA A 9 -18.53 20.49 -6.89
CA ALA A 9 -18.72 19.98 -5.49
C ALA A 9 -18.40 18.49 -5.25
N LEU A 10 -17.47 18.23 -4.34
CA LEU A 10 -17.17 16.89 -3.85
C LEU A 10 -17.39 16.87 -2.35
N ARG A 11 -18.30 16.02 -1.91
CA ARG A 11 -18.81 16.07 -0.56
C ARG A 11 -18.12 14.99 0.22
N VAL A 12 -17.65 15.37 1.42
CA VAL A 12 -16.74 14.57 2.23
C VAL A 12 -17.24 14.50 3.66
N GLY A 13 -17.28 13.29 4.18
CA GLY A 13 -17.59 13.11 5.58
C GLY A 13 -16.36 13.02 6.46
N THR A 14 -16.51 13.63 7.65
CA THR A 14 -15.47 13.60 8.65
C THR A 14 -15.98 14.23 9.93
N ASP A 15 -15.32 13.91 11.05
CA ASP A 15 -15.52 14.58 12.35
C ASP A 15 -14.18 15.20 12.63
N GLY A 16 -14.13 16.51 12.82
CA GLY A 16 -12.87 17.19 13.04
C GLY A 16 -12.39 17.29 14.48
N ILE A 17 -12.19 16.15 15.15
CA ILE A 17 -11.62 16.17 16.50
C ILE A 17 -10.57 15.06 16.63
N TYR A 18 -9.98 14.77 15.48
CA TYR A 18 -9.06 13.69 15.32
C TYR A 18 -7.76 14.26 14.74
N PRO A 19 -6.99 14.97 15.57
CA PRO A 19 -5.63 15.31 15.16
C PRO A 19 -4.79 14.02 14.99
N PRO A 20 -3.92 13.92 13.99
CA PRO A 20 -3.61 14.98 13.05
C PRO A 20 -4.37 14.82 11.74
N HIS A 21 -5.37 13.93 11.75
CA HIS A 21 -6.12 13.56 10.56
C HIS A 21 -7.00 14.72 10.17
N SER A 22 -7.64 15.28 11.19
CA SER A 22 -8.86 16.06 11.01
C SER A 22 -9.18 16.91 12.24
N PHE A 23 -8.97 18.20 12.07
CA PHE A 23 -9.11 19.14 13.15
C PHE A 23 -9.14 20.54 12.57
N HIS A 24 -9.37 21.53 13.45
CA HIS A 24 -9.53 22.93 13.05
C HIS A 24 -8.34 23.70 13.56
N ALA A 25 -7.97 24.73 12.81
CA ALA A 25 -6.78 25.50 13.13
C ALA A 25 -7.04 26.40 14.33
N GLN A 26 -6.00 27.04 14.84
CA GLN A 26 -6.20 27.93 15.97
C GLN A 26 -7.04 27.27 17.03
N ASP A 27 -6.55 26.16 17.55
CA ASP A 27 -7.21 25.49 18.67
C ASP A 27 -8.71 25.48 18.46
N GLY A 28 -9.13 24.73 17.44
CA GLY A 28 -10.55 24.44 17.24
C GLY A 28 -11.42 25.55 16.72
N ARG A 29 -10.84 26.68 16.35
CA ARG A 29 -11.60 27.87 16.04
C ARG A 29 -11.57 28.24 14.57
N GLY A 30 -10.68 27.58 13.83
CA GLY A 30 -10.37 27.91 12.42
C GLY A 30 -10.78 26.89 11.36
N GLU A 31 -10.21 27.04 10.17
CA GLU A 31 -10.47 26.13 9.06
C GLU A 31 -10.24 24.68 9.45
N LEU A 32 -10.93 23.78 8.76
CA LEU A 32 -10.62 22.39 8.88
C LEU A 32 -9.29 22.19 8.23
N THR A 33 -8.42 21.40 8.88
CA THR A 33 -7.10 21.07 8.36
C THR A 33 -6.78 19.65 8.75
N GLY A 34 -5.59 19.20 8.36
CA GLY A 34 -5.09 17.87 8.73
C GLY A 34 -4.54 17.15 7.50
N PHE A 35 -4.01 15.96 7.71
CA PHE A 35 -3.38 15.21 6.64
C PHE A 35 -4.37 14.72 5.62
N ASP A 36 -5.44 14.10 6.11
CA ASP A 36 -6.44 13.48 5.22
C ASP A 36 -7.22 14.61 4.57
N ILE A 37 -7.48 15.68 5.34
CA ILE A 37 -8.08 16.90 4.80
C ILE A 37 -7.24 17.45 3.65
N ASP A 38 -5.95 17.72 3.91
CA ASP A 38 -5.13 18.37 2.90
C ASP A 38 -4.99 17.46 1.70
N LEU A 39 -5.03 16.15 1.89
CA LEU A 39 -5.00 15.26 0.72
C LEU A 39 -6.29 15.22 -0.09
N ILE A 40 -7.42 15.21 0.59
CA ILE A 40 -8.64 15.06 -0.16
C ILE A 40 -8.89 16.37 -0.95
N LYS A 41 -8.44 17.50 -0.40
CA LYS A 41 -8.55 18.79 -1.14
C LYS A 41 -7.67 18.79 -2.39
N GLU A 42 -6.47 18.24 -2.24
CA GLU A 42 -5.51 18.14 -3.33
C GLU A 42 -6.15 17.35 -4.38
N VAL A 43 -6.61 16.16 -3.99
CA VAL A 43 -7.39 15.31 -4.88
C VAL A 43 -8.49 16.15 -5.54
N ALA A 44 -9.19 16.95 -4.73
CA ALA A 44 -10.32 17.72 -5.21
C ALA A 44 -9.94 18.74 -6.25
N HIS A 45 -8.88 19.49 -6.02
CA HIS A 45 -8.45 20.53 -6.94
C HIS A 45 -8.03 19.91 -8.29
N ARG A 46 -7.52 18.68 -8.27
CA ARG A 46 -7.05 18.03 -9.50
C ARG A 46 -8.14 17.40 -10.37
N LEU A 47 -9.31 17.17 -9.78
CA LEU A 47 -10.51 16.81 -10.54
C LEU A 47 -11.38 18.06 -10.74
N ASN A 48 -10.77 19.24 -10.63
CA ASN A 48 -11.49 20.54 -10.62
C ASN A 48 -12.84 20.48 -9.87
N LEU A 49 -12.76 20.25 -8.56
CA LEU A 49 -13.93 20.28 -7.71
C LEU A 49 -13.67 21.15 -6.51
N LYS A 50 -14.65 21.97 -6.18
CA LYS A 50 -14.66 22.68 -4.93
C LYS A 50 -15.08 21.62 -3.96
N VAL A 51 -14.60 21.73 -2.72
CA VAL A 51 -14.77 20.66 -1.75
C VAL A 51 -15.71 21.14 -0.63
N GLU A 52 -16.64 20.27 -0.25
CA GLU A 52 -17.65 20.57 0.75
C GLU A 52 -17.48 19.62 1.94
N PHE A 53 -17.21 20.15 3.13
CA PHE A 53 -17.06 19.31 4.33
C PHE A 53 -18.32 19.21 5.18
N PHE A 54 -18.71 17.98 5.49
CA PHE A 54 -19.84 17.71 6.37
C PHE A 54 -19.33 17.03 7.60
N GLU A 55 -19.44 17.67 8.77
CA GLU A 55 -18.87 17.09 10.01
C GLU A 55 -19.87 16.29 10.84
N THR A 56 -19.50 15.06 11.18
CA THR A 56 -20.39 14.19 11.91
C THR A 56 -19.66 13.24 12.83
N ALA A 57 -20.22 13.04 14.02
CA ALA A 57 -19.61 12.16 14.98
C ALA A 57 -19.38 10.84 14.31
N VAL A 58 -18.21 10.27 14.58
CA VAL A 58 -17.79 9.01 14.05
C VAL A 58 -18.90 7.97 14.09
N SER A 59 -19.73 8.01 15.12
CA SER A 59 -20.76 6.96 15.30
C SER A 59 -21.65 6.75 14.06
N GLY A 60 -21.93 7.84 13.33
CA GLY A 60 -22.74 7.78 12.12
C GLY A 60 -22.02 8.16 10.84
N LEU A 61 -20.70 8.03 10.84
CA LEU A 61 -19.96 8.36 9.63
C LEU A 61 -20.36 7.47 8.46
N ILE A 62 -20.28 6.15 8.68
CA ILE A 62 -20.56 5.15 7.63
C ILE A 62 -22.05 5.19 7.22
N THR A 63 -22.97 5.28 8.18
CA THR A 63 -24.38 5.42 7.84
C THR A 63 -24.63 6.73 7.10
N GLY A 64 -23.88 7.77 7.43
CA GLY A 64 -23.98 9.06 6.74
C GLY A 64 -23.61 8.93 5.28
N LEU A 65 -22.67 8.06 4.98
CA LEU A 65 -22.36 7.74 3.58
C LEU A 65 -23.45 6.83 2.98
N ASP A 66 -24.14 6.02 3.79
CA ASP A 66 -25.26 5.21 3.23
C ASP A 66 -26.38 6.07 2.67
N THR A 67 -26.55 7.26 3.25
CA THR A 67 -27.77 8.02 3.09
C THR A 67 -27.45 9.25 2.27
N ASN A 68 -26.36 9.16 1.53
CA ASN A 68 -25.95 10.21 0.62
C ASN A 68 -25.84 11.61 1.24
N ARG A 69 -25.50 11.70 2.53
CA ARG A 69 -25.15 12.98 3.13
C ARG A 69 -23.84 13.52 2.54
N TYR A 70 -22.95 12.62 2.10
CA TYR A 70 -21.67 13.01 1.48
C TYR A 70 -21.20 11.88 0.61
N ASP A 71 -20.14 12.13 -0.16
CA ASP A 71 -19.68 11.16 -1.17
C ASP A 71 -18.49 10.34 -0.79
N VAL A 72 -17.59 10.94 -0.02
CA VAL A 72 -16.31 10.36 0.30
C VAL A 72 -16.18 10.35 1.81
N LEU A 73 -15.75 9.22 2.37
CA LEU A 73 -15.26 9.17 3.77
C LEU A 73 -13.74 9.09 3.81
N VAL A 74 -13.11 9.81 4.75
CA VAL A 74 -11.65 9.78 4.90
C VAL A 74 -11.20 8.88 6.03
N ASN A 75 -9.94 8.47 5.95
CA ASN A 75 -9.29 7.71 7.03
C ASN A 75 -10.01 6.39 7.44
N VAL A 76 -10.50 5.61 6.46
CA VAL A 76 -11.17 4.32 6.73
C VAL A 76 -10.26 3.11 6.59
N ALA A 77 -10.07 2.37 7.66
CA ALA A 77 -9.31 1.15 7.60
C ALA A 77 -10.09 0.11 6.80
N ILE A 78 -9.45 -0.44 5.78
CA ILE A 78 -10.03 -1.46 4.92
C ILE A 78 -10.25 -2.74 5.67
N THR A 79 -11.49 -3.18 5.72
CA THR A 79 -11.82 -4.52 6.22
C THR A 79 -12.55 -5.31 5.15
N PRO A 80 -12.51 -6.63 5.28
CA PRO A 80 -13.19 -7.47 4.33
C PRO A 80 -14.66 -7.17 4.26
N GLU A 81 -15.28 -6.98 5.42
CA GLU A 81 -16.70 -6.63 5.50
C GLU A 81 -17.07 -5.36 4.77
N ARG A 82 -16.25 -4.33 4.92
CA ARG A 82 -16.47 -3.07 4.22
C ARG A 82 -16.10 -3.17 2.77
N GLN A 83 -15.19 -4.07 2.42
CA GLN A 83 -14.87 -4.26 1.02
C GLN A 83 -16.07 -4.82 0.26
N LYS A 84 -16.79 -5.79 0.86
CA LYS A 84 -18.09 -6.28 0.32
C LYS A 84 -19.07 -5.15 0.00
N LYS A 85 -19.37 -4.30 0.99
CA LYS A 85 -20.49 -3.36 0.90
C LYS A 85 -20.16 -1.96 0.39
N TYR A 86 -18.89 -1.66 0.10
CA TYR A 86 -18.50 -0.30 -0.30
C TYR A 86 -17.38 -0.33 -1.33
N ASP A 87 -17.09 0.82 -1.91
CA ASP A 87 -15.92 1.01 -2.77
C ASP A 87 -14.83 1.66 -1.94
N PHE A 88 -13.60 1.20 -2.12
CA PHE A 88 -12.46 1.82 -1.50
C PHE A 88 -11.57 2.35 -2.56
N SER A 89 -10.85 3.43 -2.27
CA SER A 89 -9.70 3.81 -3.09
C SER A 89 -8.49 2.92 -2.80
N ILE A 90 -7.53 3.01 -3.69
CA ILE A 90 -6.18 2.62 -3.39
C ILE A 90 -5.82 3.14 -2.00
N PRO A 91 -5.14 2.33 -1.21
CA PRO A 91 -4.67 2.86 0.03
C PRO A 91 -3.78 4.09 -0.16
N TYR A 92 -3.82 4.98 0.83
CA TYR A 92 -2.99 6.18 0.85
C TYR A 92 -2.12 6.35 2.09
N ILE A 93 -2.40 5.56 3.12
CA ILE A 93 -1.65 5.62 4.34
C ILE A 93 -1.84 4.28 5.00
N ALA A 94 -1.00 3.99 5.99
CA ALA A 94 -1.14 2.78 6.80
C ALA A 94 -1.09 3.15 8.27
N HIS A 95 -1.83 2.43 9.11
CA HIS A 95 -1.64 2.60 10.53
C HIS A 95 -1.42 1.30 11.27
N ARG A 96 -1.02 1.43 12.54
CA ARG A 96 -0.61 0.29 13.36
C ARG A 96 -1.41 0.34 14.64
N VAL A 97 -2.12 -0.74 14.94
CA VAL A 97 -3.07 -0.75 16.05
C VAL A 97 -2.31 -1.17 17.31
N LEU A 98 -2.22 -0.21 18.23
CA LEU A 98 -1.47 -0.35 19.45
C LEU A 98 -2.45 -0.60 20.59
N LEU A 99 -2.04 -1.43 21.53
CA LEU A 99 -2.64 -1.43 22.85
C LEU A 99 -1.83 -0.48 23.79
N VAL A 100 -2.45 0.62 24.20
CA VAL A 100 -1.83 1.60 25.12
C VAL A 100 -2.34 1.43 26.55
N VAL A 101 -1.41 1.47 27.52
CA VAL A 101 -1.75 1.41 28.95
C VAL A 101 -1.00 2.52 29.71
N ARG A 102 -1.24 2.61 31.02
CA ARG A 102 -0.43 3.52 31.85
C ARG A 102 0.87 2.81 32.07
N SER A 103 1.94 3.57 32.19
CA SER A 103 3.28 2.96 32.19
C SER A 103 3.55 2.07 33.39
N ASP A 104 2.84 2.30 34.51
CA ASP A 104 2.96 1.46 35.73
C ASP A 104 2.17 0.13 35.68
N GLN A 105 1.28 -0.04 34.72
CA GLN A 105 0.40 -1.23 34.61
C GLN A 105 1.15 -2.55 34.31
N GLN A 106 0.85 -3.61 35.05
CA GLN A 106 1.66 -4.86 34.97
C GLN A 106 0.97 -6.10 34.41
N ASP A 107 -0.36 -6.11 34.46
CA ASP A 107 -1.16 -7.28 34.10
C ASP A 107 -1.86 -7.17 32.73
N ILE A 108 -1.36 -6.30 31.84
CA ILE A 108 -1.86 -6.24 30.46
C ILE A 108 -0.67 -6.34 29.53
N ARG A 109 -0.48 -7.53 28.98
CA ARG A 109 0.70 -7.82 28.20
C ARG A 109 0.35 -8.17 26.76
N SER A 110 -0.96 -8.29 26.49
CA SER A 110 -1.45 -8.63 25.16
C SER A 110 -2.87 -8.14 25.01
N PHE A 111 -3.39 -8.11 23.78
CA PHE A 111 -4.83 -7.86 23.54
C PHE A 111 -5.78 -8.83 24.27
N LYS A 112 -5.26 -10.00 24.62
CA LYS A 112 -6.06 -11.10 25.20
C LYS A 112 -6.30 -10.87 26.69
N ASP A 113 -5.46 -10.03 27.33
CA ASP A 113 -5.69 -9.56 28.72
C ASP A 113 -6.73 -8.41 28.86
N LEU A 114 -7.37 -7.97 27.81
CA LEU A 114 -8.38 -6.90 27.97
C LEU A 114 -9.69 -7.40 28.60
N THR A 115 -9.95 -8.69 28.47
CA THR A 115 -11.06 -9.36 29.14
C THR A 115 -11.08 -9.00 30.62
N ASP A 116 -12.17 -8.35 31.03
CA ASP A 116 -12.42 -7.94 32.43
C ASP A 116 -11.63 -6.73 32.87
N LYS A 117 -11.20 -5.92 31.89
CA LYS A 117 -10.51 -4.67 32.13
C LYS A 117 -11.41 -3.58 31.61
N THR A 118 -11.29 -2.38 32.19
CA THR A 118 -12.06 -1.25 31.68
C THR A 118 -11.27 -0.71 30.51
N VAL A 119 -11.89 -0.59 29.36
CA VAL A 119 -11.19 -0.12 28.16
C VAL A 119 -11.91 1.10 27.57
N ALA A 120 -11.14 2.05 27.04
CA ALA A 120 -11.72 3.23 26.39
C ALA A 120 -11.68 3.14 24.85
N GLN A 121 -12.84 3.07 24.21
CA GLN A 121 -12.89 3.08 22.75
C GLN A 121 -13.95 4.04 22.29
N ILE A 122 -13.91 4.40 21.02
CA ILE A 122 -14.84 5.36 20.45
C ILE A 122 -16.09 4.59 20.07
N LEU A 123 -17.24 5.21 20.30
CA LEU A 123 -18.53 4.60 20.00
C LEU A 123 -18.70 4.35 18.49
N GLY A 124 -19.28 3.21 18.16
CA GLY A 124 -19.51 2.84 16.75
C GLY A 124 -18.32 2.45 15.90
N THR A 125 -17.14 2.24 16.51
CA THR A 125 -15.93 1.86 15.75
C THR A 125 -15.76 0.35 15.78
N ASP A 126 -14.86 -0.19 14.97
CA ASP A 126 -14.55 -1.62 14.98
C ASP A 126 -13.68 -1.98 16.20
N LEU A 127 -12.75 -1.10 16.57
CA LEU A 127 -11.99 -1.32 17.78
C LEU A 127 -12.90 -1.41 18.97
N SER A 128 -14.04 -0.72 18.95
CA SER A 128 -15.00 -0.79 20.07
C SER A 128 -15.80 -2.10 20.09
N ARG A 129 -16.14 -2.57 18.89
CA ARG A 129 -16.68 -3.90 18.71
C ARG A 129 -15.71 -4.92 19.28
N PHE A 130 -14.43 -4.75 18.98
CA PHE A 130 -13.39 -5.68 19.40
C PHE A 130 -13.34 -5.78 20.91
N ALA A 131 -13.50 -4.64 21.58
CA ALA A 131 -13.47 -4.62 23.03
C ALA A 131 -14.65 -5.36 23.62
N LYS A 132 -15.86 -5.11 23.10
CA LYS A 132 -17.05 -5.89 23.44
C LYS A 132 -16.85 -7.39 23.25
N GLU A 133 -16.18 -7.77 22.17
CA GLU A 133 -15.95 -9.19 21.87
C GLU A 133 -14.98 -9.80 22.89
N LEU A 134 -13.92 -9.08 23.23
CA LEU A 134 -12.99 -9.53 24.26
C LEU A 134 -13.60 -9.45 25.67
N LYS A 135 -14.86 -8.99 25.76
CA LYS A 135 -15.62 -8.95 27.03
C LYS A 135 -14.90 -8.11 28.07
N SER A 136 -14.54 -6.89 27.66
CA SER A 136 -14.02 -5.87 28.55
C SER A 136 -15.16 -5.02 29.04
N HIS A 137 -14.93 -4.28 30.12
CA HIS A 137 -15.84 -3.20 30.50
C HIS A 137 -15.53 -1.99 29.63
N LEU A 138 -16.48 -1.68 28.75
N LEU A 138 -16.49 -1.64 28.79
CA LEU A 138 -16.32 -0.61 27.80
CA LEU A 138 -16.30 -0.64 27.76
C LEU A 138 -16.67 0.73 28.37
C LEU A 138 -16.73 0.73 28.23
N VAL A 139 -15.87 1.72 27.99
CA VAL A 139 -16.18 3.12 28.28
C VAL A 139 -16.10 3.88 26.94
N PHE A 140 -17.21 4.47 26.52
CA PHE A 140 -17.27 5.13 25.26
C PHE A 140 -16.66 6.54 25.29
N SER A 141 -15.67 6.78 24.43
CA SER A 141 -15.00 8.07 24.34
C SER A 141 -15.49 8.73 23.10
N HIS A 142 -15.41 10.06 23.07
CA HIS A 142 -15.87 10.80 21.88
C HIS A 142 -14.74 11.06 20.87
N ASN A 143 -13.47 10.89 21.29
CA ASN A 143 -12.32 10.73 20.36
C ASN A 143 -11.10 10.08 21.03
N PHE A 144 -9.97 10.06 20.33
CA PHE A 144 -8.74 9.46 20.85
C PHE A 144 -8.16 10.31 21.98
N GLU A 145 -8.36 11.62 21.91
CA GLU A 145 -7.81 12.50 22.93
C GLU A 145 -8.44 12.15 24.26
N GLN A 146 -9.75 11.92 24.22
CA GLN A 146 -10.47 11.55 25.41
C GLN A 146 -10.11 10.11 25.85
N SER A 147 -9.91 9.20 24.90
CA SER A 147 -9.49 7.85 25.21
C SER A 147 -8.20 7.89 26.00
N LEU A 148 -7.29 8.74 25.55
CA LEU A 148 -6.03 8.94 26.23
C LEU A 148 -6.20 9.70 27.55
N GLN A 149 -7.02 10.75 27.60
CA GLN A 149 -7.21 11.52 28.87
C GLN A 149 -7.75 10.63 29.99
N LEU A 150 -8.80 9.88 29.66
CA LEU A 150 -9.37 8.87 30.52
C LEU A 150 -8.35 7.85 31.05
N LEU A 151 -7.44 7.40 30.19
CA LEU A 151 -6.38 6.50 30.63
C LEU A 151 -5.49 7.20 31.68
N LEU A 152 -5.14 8.46 31.42
CA LEU A 152 -4.35 9.22 32.39
C LEU A 152 -5.11 9.57 33.67
N SER A 153 -6.43 9.66 33.64
CA SER A 153 -7.19 10.00 34.86
C SER A 153 -7.58 8.74 35.63
N LYS A 154 -7.16 7.59 35.12
CA LYS A 154 -7.41 6.27 35.72
C LYS A 154 -8.88 5.86 35.68
N ARG A 155 -9.69 6.53 34.86
CA ARG A 155 -11.08 6.14 34.67
C ARG A 155 -11.14 4.94 33.73
N THR A 156 -10.08 4.68 32.95
CA THR A 156 -9.91 3.38 32.31
C THR A 156 -8.52 2.84 32.52
N ASP A 157 -8.35 1.60 32.13
CA ASP A 157 -7.10 0.94 32.31
C ASP A 157 -6.38 0.60 30.99
N ALA A 158 -7.02 0.88 29.84
CA ALA A 158 -6.35 0.66 28.53
C ALA A 158 -7.08 1.32 27.37
N THR A 159 -6.44 1.38 26.22
CA THR A 159 -7.19 1.73 25.03
C THR A 159 -6.50 1.26 23.78
N MET A 160 -7.30 0.82 22.82
CA MET A 160 -6.80 0.36 21.57
C MET A 160 -6.91 1.55 20.70
N ILE A 161 -5.77 1.93 20.15
CA ILE A 161 -5.59 3.18 19.46
C ILE A 161 -4.52 2.99 18.39
N PRO A 162 -4.75 3.53 17.18
CA PRO A 162 -3.69 3.43 16.16
C PRO A 162 -2.53 4.37 16.46
N ASP A 163 -1.39 4.12 15.84
CA ASP A 163 -0.15 4.83 16.11
C ASP A 163 -0.17 6.30 15.72
N ILE A 164 -0.80 6.62 14.60
CA ILE A 164 -0.80 8.00 14.08
C ILE A 164 -1.33 8.97 15.15
N PRO A 165 -2.57 8.79 15.66
CA PRO A 165 -3.10 9.73 16.67
C PRO A 165 -2.46 9.55 18.05
N PHE A 166 -1.97 8.35 18.35
CA PHE A 166 -1.27 8.17 19.60
C PHE A 166 0.00 8.99 19.61
N PHE A 167 0.81 8.91 18.55
CA PHE A 167 2.11 9.61 18.56
C PHE A 167 1.99 11.09 18.45
N ASN A 168 0.93 11.55 17.79
CA ASN A 168 0.58 12.95 17.72
C ASN A 168 0.17 13.57 19.08
N PHE A 169 -0.46 12.79 19.95
CA PHE A 169 -0.72 13.21 21.29
C PHE A 169 0.61 13.44 21.97
N LEU A 170 1.55 12.54 21.71
CA LEU A 170 2.85 12.61 22.34
C LEU A 170 3.67 13.75 21.79
N GLU A 171 3.48 14.08 20.52
CA GLU A 171 4.08 15.29 19.97
C GLU A 171 3.57 16.53 20.69
N ARG A 172 2.23 16.62 20.84
CA ARG A 172 1.60 17.81 21.38
C ARG A 172 1.73 17.95 22.89
N ARG A 173 2.01 16.84 23.57
CA ARG A 173 2.14 16.84 25.02
C ARG A 173 3.33 15.96 25.43
N PRO A 174 4.56 16.47 25.22
CA PRO A 174 5.68 15.51 25.35
C PRO A 174 5.94 15.02 26.77
N HIS A 175 5.51 15.79 27.77
CA HIS A 175 5.68 15.40 29.18
C HIS A 175 4.82 14.18 29.56
N ASP A 176 3.83 13.84 28.73
CA ASP A 176 3.08 12.57 28.88
C ASP A 176 3.77 11.40 28.19
N GLY A 177 4.98 11.63 27.69
CA GLY A 177 5.71 10.61 26.97
C GLY A 177 5.80 9.35 27.81
N ASN A 178 6.36 9.54 29.01
CA ASN A 178 6.69 8.42 29.89
C ASN A 178 5.50 7.92 30.79
N LEU A 179 4.29 8.38 30.52
CA LEU A 179 3.15 7.94 31.33
C LEU A 179 2.35 6.83 30.65
N PHE A 180 2.51 6.67 29.35
CA PHE A 180 1.91 5.59 28.59
C PHE A 180 2.98 4.60 28.27
N LYS A 181 2.60 3.36 28.03
CA LYS A 181 3.43 2.45 27.26
C LYS A 181 2.59 1.59 26.30
N ILE A 182 3.21 1.22 25.19
CA ILE A 182 2.64 0.25 24.24
C ILE A 182 2.76 -1.20 24.84
N ALA A 183 1.65 -1.77 25.29
CA ALA A 183 1.69 -3.12 25.85
C ALA A 183 1.84 -4.17 24.77
N ASP A 184 1.39 -3.87 23.54
CA ASP A 184 1.25 -4.88 22.49
C ASP A 184 0.87 -4.14 21.21
N ARG A 185 1.05 -4.79 20.06
CA ARG A 185 0.61 -4.24 18.76
C ARG A 185 0.03 -5.35 17.92
N MET A 186 -0.89 -5.03 17.04
CA MET A 186 -1.27 -5.97 16.00
C MET A 186 0.00 -6.25 15.20
N LYS A 187 0.23 -7.53 14.87
CA LYS A 187 1.52 -7.94 14.28
C LYS A 187 1.69 -7.38 12.86
N ASP A 188 0.61 -6.90 12.25
CA ASP A 188 0.69 -6.18 10.99
C ASP A 188 0.05 -4.79 11.07
N ASN A 189 0.51 -3.90 10.19
CA ASN A 189 -0.11 -2.61 10.05
C ASN A 189 -1.28 -2.79 9.14
N SER A 190 -2.07 -1.75 9.01
CA SER A 190 -3.38 -1.83 8.36
C SER A 190 -3.55 -0.69 7.42
N ALA A 191 -3.99 -0.99 6.20
CA ALA A 191 -4.22 -0.01 5.18
C ALA A 191 -5.46 0.82 5.45
N VAL A 192 -5.32 2.08 5.05
CA VAL A 192 -6.35 3.07 5.17
C VAL A 192 -6.58 3.68 3.78
N ALA A 193 -7.84 4.03 3.49
CA ALA A 193 -8.25 4.59 2.21
C ALA A 193 -9.50 5.47 2.34
N PHE A 194 -9.88 6.10 1.23
CA PHE A 194 -11.17 6.82 1.09
C PHE A 194 -12.25 5.84 0.81
N MET A 195 -13.37 5.92 1.53
CA MET A 195 -14.46 4.98 1.25
C MET A 195 -15.67 5.67 0.58
N MET A 196 -16.28 4.91 -0.30
CA MET A 196 -17.33 5.41 -1.16
C MET A 196 -18.36 4.30 -1.25
N ARG A 197 -19.56 4.68 -1.66
CA ARG A 197 -20.62 3.72 -1.91
C ARG A 197 -20.29 2.87 -3.14
N LYS A 198 -20.67 1.59 -3.11
CA LYS A 198 -20.46 0.68 -4.24
C LYS A 198 -21.06 1.29 -5.49
N GLY A 199 -20.40 1.08 -6.63
CA GLY A 199 -20.87 1.63 -7.91
C GLY A 199 -20.43 3.06 -8.25
N ASN A 200 -19.70 3.73 -7.34
CA ASN A 200 -19.02 4.98 -7.67
C ASN A 200 -17.68 4.69 -8.34
N ASN A 201 -17.75 4.00 -9.47
CA ASN A 201 -16.58 3.43 -10.06
C ASN A 201 -15.78 4.44 -10.81
N LYS A 202 -16.41 5.38 -11.49
CA LYS A 202 -15.60 6.35 -12.20
C LYS A 202 -14.92 7.27 -11.23
N LEU A 203 -15.62 7.59 -10.15
CA LEU A 203 -15.02 8.41 -9.11
C LEU A 203 -13.79 7.69 -8.57
N THR A 204 -13.94 6.44 -8.19
CA THR A 204 -12.85 5.70 -7.58
C THR A 204 -11.64 5.70 -8.56
N ARG A 205 -11.90 5.44 -9.84
CA ARG A 205 -10.82 5.44 -10.86
C ARG A 205 -10.13 6.78 -10.95
N SER A 206 -10.88 7.83 -10.66
CA SER A 206 -10.37 9.19 -10.77
C SER A 206 -9.55 9.52 -9.57
N ILE A 207 -10.04 9.18 -8.38
CA ILE A 207 -9.30 9.44 -7.17
C ILE A 207 -7.99 8.67 -7.23
N ASN A 208 -8.07 7.38 -7.55
CA ASN A 208 -6.90 6.52 -7.65
C ASN A 208 -5.90 7.04 -8.65
N GLU A 209 -6.40 7.61 -9.74
CA GLU A 209 -5.50 8.18 -10.75
C GLU A 209 -4.80 9.39 -10.21
N ILE A 210 -5.58 10.25 -9.58
CA ILE A 210 -5.05 11.48 -9.06
C ILE A 210 -4.04 11.15 -7.95
N LEU A 211 -4.35 10.17 -7.10
CA LEU A 211 -3.43 9.84 -6.01
C LEU A 211 -2.13 9.43 -6.61
N CYS A 212 -2.24 8.63 -7.65
CA CYS A 212 -1.07 8.18 -8.36
C CYS A 212 -0.19 9.36 -8.81
N ALA A 213 -0.79 10.39 -9.42
CA ALA A 213 -0.07 11.64 -9.79
C ALA A 213 0.46 12.38 -8.59
N ILE A 214 -0.24 12.27 -7.47
CA ILE A 214 0.12 13.00 -6.24
C ILE A 214 1.40 12.44 -5.62
N HIS A 215 1.49 11.10 -5.60
CA HIS A 215 2.79 10.43 -5.44
C HIS A 215 3.86 10.82 -6.45
N LEU A 216 3.54 10.68 -7.74
CA LEU A 216 4.55 10.91 -8.76
C LEU A 216 5.19 12.30 -8.76
N ASP A 217 4.48 13.37 -8.37
CA ASP A 217 5.08 14.73 -8.41
C ASP A 217 5.72 15.15 -7.09
N GLY A 218 5.64 14.30 -6.08
CA GLY A 218 6.22 14.59 -4.78
C GLY A 218 5.31 15.36 -3.82
N THR A 219 4.13 15.77 -4.26
CA THR A 219 3.12 16.33 -3.35
C THR A 219 2.75 15.40 -2.17
N TYR A 220 2.58 14.10 -2.44
CA TYR A 220 2.29 13.12 -1.41
C TYR A 220 3.32 13.36 -0.30
N LYS A 221 4.61 13.32 -0.63
CA LYS A 221 5.69 13.49 0.29
C LYS A 221 5.56 14.79 1.07
N LYS A 222 5.19 15.87 0.38
CA LYS A 222 5.00 17.17 1.02
C LYS A 222 3.90 17.06 2.09
N ILE A 223 2.77 16.49 1.71
CA ILE A 223 1.64 16.36 2.62
C ILE A 223 1.96 15.45 3.83
N PHE A 224 2.63 14.32 3.60
CA PHE A 224 3.01 13.36 4.65
C PHE A 224 3.99 13.99 5.61
N ASP A 225 5.08 14.55 5.10
CA ASP A 225 6.07 15.21 5.95
C ASP A 225 5.51 16.42 6.72
N ARG A 226 4.46 17.06 6.23
CA ARG A 226 3.78 18.14 6.98
C ARG A 226 3.22 17.64 8.32
N TYR A 227 2.79 16.37 8.37
CA TYR A 227 2.18 15.82 9.55
C TYR A 227 2.86 14.57 10.15
N PHE A 228 3.79 13.89 9.48
CA PHE A 228 4.38 12.66 10.12
C PHE A 228 5.90 12.54 10.01
N ASP A 229 6.43 11.73 10.92
CA ASP A 229 7.81 11.34 10.92
C ASP A 229 7.88 10.01 10.16
N LYS A 230 8.43 10.01 8.94
CA LYS A 230 8.34 8.80 8.10
C LYS A 230 9.05 7.63 8.75
N ASN A 231 9.87 7.94 9.75
CA ASN A 231 10.57 6.95 10.59
C ASN A 231 9.63 6.17 11.53
N ILE A 232 8.48 6.73 11.90
CA ILE A 232 7.56 6.03 12.81
C ILE A 232 6.25 5.63 12.17
N ILE A 233 5.85 6.36 11.12
CA ILE A 233 4.58 6.14 10.42
C ILE A 233 4.80 5.58 9.04
N SER A 234 4.08 4.50 8.73
CA SER A 234 4.27 3.81 7.48
C SER A 234 3.54 4.56 6.36
N SER A 235 4.26 4.87 5.28
CA SER A 235 3.58 5.32 4.06
C SER A 235 3.25 4.09 3.23
N VAL A 236 2.47 4.30 2.18
CA VAL A 236 2.16 3.27 1.20
C VAL A 236 3.10 3.45 0.04
N PRO A 237 3.19 2.41 -0.80
CA PRO A 237 4.04 2.50 -1.98
C PRO A 237 3.66 3.62 -2.91
N GLY A 238 4.65 4.13 -3.66
CA GLY A 238 4.45 5.18 -4.66
C GLY A 238 4.01 4.58 -5.97
N CYS A 239 3.95 5.41 -7.02
CA CYS A 239 3.40 5.03 -8.34
C CYS A 239 4.47 4.87 -9.40
N SER A 240 4.05 4.61 -10.64
CA SER A 240 4.97 4.58 -11.76
C SER A 240 4.48 5.47 -12.88
N SER A 241 5.40 6.23 -13.47
CA SER A 241 5.10 7.15 -14.60
C SER A 241 4.29 6.50 -15.70
N SER B 8 -15.90 -23.22 -12.17
CA SER B 8 -15.41 -22.52 -13.41
C SER B 8 -13.95 -22.01 -13.28
N ALA B 9 -13.45 -21.35 -14.33
CA ALA B 9 -12.03 -21.01 -14.46
C ALA B 9 -11.70 -19.52 -14.35
N LEU B 10 -10.62 -19.21 -13.65
CA LEU B 10 -10.05 -17.84 -13.58
C LEU B 10 -8.83 -17.74 -14.52
N ARG B 11 -9.02 -17.07 -15.65
CA ARG B 11 -8.00 -17.03 -16.67
C ARG B 11 -6.98 -15.97 -16.34
N VAL B 12 -5.70 -16.34 -16.30
CA VAL B 12 -4.65 -15.42 -15.90
C VAL B 12 -3.53 -15.36 -16.93
N GLY B 13 -3.33 -14.22 -17.57
CA GLY B 13 -2.15 -14.08 -18.44
C GLY B 13 -0.87 -13.71 -17.67
N THR B 14 0.30 -14.11 -18.19
CA THR B 14 1.60 -13.85 -17.55
C THR B 14 2.69 -14.04 -18.59
N ASP B 15 3.86 -13.44 -18.37
CA ASP B 15 4.98 -13.74 -19.26
C ASP B 15 5.67 -15.06 -18.89
N GLY B 16 5.61 -15.45 -17.61
CA GLY B 16 6.24 -16.67 -17.09
C GLY B 16 7.74 -16.72 -17.14
N ILE B 17 8.38 -15.56 -17.27
CA ILE B 17 9.84 -15.48 -17.37
C ILE B 17 10.43 -14.28 -16.61
N TYR B 18 9.95 -14.10 -15.37
CA TYR B 18 10.34 -12.99 -14.49
C TYR B 18 10.56 -13.56 -13.09
N PRO B 19 11.71 -14.21 -12.88
CA PRO B 19 12.00 -14.67 -11.51
C PRO B 19 12.17 -13.48 -10.53
N PRO B 20 11.64 -13.57 -9.31
CA PRO B 20 10.86 -14.71 -8.81
C PRO B 20 9.35 -14.43 -8.79
N HIS B 21 8.86 -13.57 -9.67
CA HIS B 21 7.41 -13.32 -9.77
C HIS B 21 6.68 -14.43 -10.48
N SER B 22 7.27 -14.90 -11.56
CA SER B 22 6.58 -15.74 -12.49
C SER B 22 7.64 -16.36 -13.37
N PHE B 23 8.02 -17.59 -13.06
CA PHE B 23 9.17 -18.21 -13.73
C PHE B 23 9.04 -19.71 -13.72
N HIS B 24 9.98 -20.38 -14.36
CA HIS B 24 9.93 -21.80 -14.39
C HIS B 24 11.07 -22.43 -13.63
N ALA B 25 10.72 -23.59 -13.04
CA ALA B 25 11.39 -24.17 -11.90
C ALA B 25 12.88 -24.36 -12.14
N GLN B 26 13.29 -24.70 -13.36
CA GLN B 26 14.67 -24.49 -13.75
C GLN B 26 15.09 -24.96 -15.11
N ASP B 27 15.93 -24.13 -15.72
CA ASP B 27 16.21 -24.17 -17.15
C ASP B 27 14.96 -23.94 -17.99
N GLY B 28 13.88 -23.49 -17.35
CA GLY B 28 12.58 -23.34 -18.01
C GLY B 28 11.70 -24.59 -18.11
N ARG B 29 12.06 -25.69 -17.46
CA ARG B 29 11.39 -26.96 -17.71
C ARG B 29 10.42 -27.43 -16.62
N GLY B 30 10.55 -26.86 -15.41
CA GLY B 30 9.62 -27.15 -14.32
C GLY B 30 8.34 -26.31 -14.34
N GLU B 31 7.46 -26.54 -13.37
CA GLU B 31 6.16 -25.86 -13.42
C GLU B 31 6.30 -24.35 -13.28
N LEU B 32 5.27 -23.66 -13.74
CA LEU B 32 5.11 -22.28 -13.45
C LEU B 32 4.92 -22.07 -11.96
N THR B 33 5.62 -21.06 -11.46
CA THR B 33 5.70 -20.82 -10.05
C THR B 33 6.11 -19.37 -9.87
N GLY B 34 6.24 -18.96 -8.61
CA GLY B 34 6.71 -17.61 -8.29
C GLY B 34 5.80 -17.01 -7.27
N PHE B 35 6.15 -15.83 -6.78
CA PHE B 35 5.35 -15.22 -5.73
C PHE B 35 3.95 -14.86 -6.24
N ASP B 36 3.91 -14.13 -7.35
CA ASP B 36 2.65 -13.66 -7.92
C ASP B 36 1.73 -14.84 -8.30
N ILE B 37 2.34 -15.89 -8.81
CA ILE B 37 1.61 -17.04 -9.22
C ILE B 37 0.91 -17.69 -8.02
N ASP B 38 1.65 -17.90 -6.93
CA ASP B 38 1.08 -18.65 -5.79
C ASP B 38 -0.04 -17.83 -5.20
N LEU B 39 0.13 -16.51 -5.25
CA LEU B 39 -0.83 -15.62 -4.71
C LEU B 39 -2.14 -15.67 -5.52
N ILE B 40 -2.05 -15.55 -6.84
CA ILE B 40 -3.27 -15.54 -7.65
C ILE B 40 -3.92 -16.91 -7.61
N LYS B 41 -3.11 -17.96 -7.54
CA LYS B 41 -3.63 -19.31 -7.24
C LYS B 41 -4.38 -19.38 -5.91
N GLU B 42 -3.82 -18.80 -4.86
CA GLU B 42 -4.49 -18.71 -3.57
C GLU B 42 -5.85 -18.00 -3.73
N VAL B 43 -5.85 -16.87 -4.42
CA VAL B 43 -7.07 -16.09 -4.70
C VAL B 43 -8.09 -16.93 -5.40
N ALA B 44 -7.64 -17.69 -6.39
CA ALA B 44 -8.56 -18.56 -7.13
C ALA B 44 -9.17 -19.57 -6.20
N HIS B 45 -8.36 -20.18 -5.36
CA HIS B 45 -8.84 -21.22 -4.48
C HIS B 45 -9.94 -20.66 -3.61
N ARG B 46 -9.76 -19.43 -3.18
CA ARG B 46 -10.72 -18.78 -2.28
C ARG B 46 -11.96 -18.22 -2.96
N LEU B 47 -11.91 -17.99 -4.26
CA LEU B 47 -13.13 -17.74 -5.06
C LEU B 47 -13.78 -19.06 -5.55
N ASN B 48 -13.27 -20.20 -5.07
CA ASN B 48 -13.67 -21.53 -5.56
C ASN B 48 -13.57 -21.66 -7.10
N LEU B 49 -12.38 -21.44 -7.65
CA LEU B 49 -12.13 -21.46 -9.08
C LEU B 49 -10.80 -22.16 -9.36
N LYS B 50 -10.76 -22.88 -10.48
CA LYS B 50 -9.53 -23.54 -10.96
C LYS B 50 -8.83 -22.54 -11.89
N VAL B 51 -7.59 -22.24 -11.60
CA VAL B 51 -6.90 -21.19 -12.32
C VAL B 51 -6.39 -21.70 -13.67
N GLU B 52 -6.53 -20.89 -14.71
CA GLU B 52 -6.06 -21.21 -16.06
C GLU B 52 -5.00 -20.21 -16.46
N PHE B 53 -3.77 -20.67 -16.69
CA PHE B 53 -2.70 -19.76 -17.06
C PHE B 53 -2.47 -19.66 -18.56
N PHE B 54 -2.31 -18.43 -19.03
CA PHE B 54 -1.97 -18.11 -20.41
C PHE B 54 -0.64 -17.34 -20.52
N GLU B 55 0.48 -18.07 -20.47
CA GLU B 55 1.81 -17.50 -20.79
C GLU B 55 1.93 -16.76 -22.17
N THR B 56 2.34 -15.49 -22.13
CA THR B 56 2.22 -14.63 -23.30
C THR B 56 3.50 -13.85 -23.43
N ALA B 57 3.95 -13.60 -24.66
CA ALA B 57 5.16 -12.80 -24.86
C ALA B 57 4.98 -11.43 -24.25
N VAL B 58 6.09 -10.84 -23.82
CA VAL B 58 6.00 -9.59 -23.12
C VAL B 58 5.19 -8.58 -23.91
N SER B 59 5.40 -8.50 -25.22
CA SER B 59 4.65 -7.53 -26.06
C SER B 59 3.12 -7.71 -26.06
N GLY B 60 2.66 -8.93 -25.89
CA GLY B 60 1.23 -9.22 -25.96
C GLY B 60 0.49 -9.30 -24.63
N LEU B 61 1.11 -8.84 -23.56
CA LEU B 61 0.52 -9.02 -22.23
C LEU B 61 -0.75 -8.17 -22.04
N ILE B 62 -0.65 -6.87 -22.30
CA ILE B 62 -1.82 -5.99 -22.19
C ILE B 62 -2.88 -6.30 -23.24
N THR B 63 -2.48 -6.50 -24.48
CA THR B 63 -3.41 -6.78 -25.58
C THR B 63 -4.17 -8.09 -25.40
N GLY B 64 -3.63 -9.01 -24.59
CA GLY B 64 -4.37 -10.20 -24.16
C GLY B 64 -5.53 -9.86 -23.23
N LEU B 65 -5.34 -8.81 -22.46
CA LEU B 65 -6.42 -8.32 -21.63
C LEU B 65 -7.46 -7.69 -22.52
N ASP B 66 -6.97 -6.77 -23.37
CA ASP B 66 -7.83 -5.98 -24.24
C ASP B 66 -8.61 -6.93 -25.13
N THR B 67 -7.92 -7.96 -25.59
CA THR B 67 -8.47 -8.93 -26.53
C THR B 67 -9.36 -9.98 -25.85
N ASN B 68 -9.24 -10.12 -24.55
CA ASN B 68 -10.07 -11.06 -23.85
C ASN B 68 -9.55 -12.54 -24.01
N ARG B 69 -8.25 -12.70 -24.25
CA ARG B 69 -7.62 -14.01 -24.15
C ARG B 69 -7.67 -14.46 -22.69
N TYR B 70 -7.60 -13.50 -21.77
CA TYR B 70 -7.65 -13.77 -20.32
C TYR B 70 -8.24 -12.55 -19.60
N ASP B 71 -8.44 -12.66 -18.28
CA ASP B 71 -9.21 -11.69 -17.48
C ASP B 71 -8.42 -10.91 -16.48
N VAL B 72 -7.37 -11.56 -15.95
CA VAL B 72 -6.48 -10.96 -14.98
C VAL B 72 -5.05 -10.99 -15.49
N LEU B 73 -4.35 -9.88 -15.27
CA LEU B 73 -2.97 -9.78 -15.66
C LEU B 73 -2.12 -9.57 -14.41
N VAL B 74 -1.01 -10.32 -14.36
CA VAL B 74 -0.09 -10.41 -13.24
C VAL B 74 1.03 -9.33 -13.33
N ASN B 75 1.50 -8.87 -12.17
CA ASN B 75 2.80 -8.18 -12.09
C ASN B 75 2.82 -6.92 -12.97
N VAL B 76 1.83 -6.06 -12.73
CA VAL B 76 1.62 -4.82 -13.46
C VAL B 76 1.76 -3.64 -12.50
N ALA B 77 2.73 -2.78 -12.80
CA ALA B 77 2.93 -1.50 -12.10
C ALA B 77 1.80 -0.53 -12.40
N ILE B 78 1.29 0.14 -11.38
CA ILE B 78 0.20 1.11 -11.59
C ILE B 78 0.81 2.38 -12.15
N THR B 79 0.18 2.84 -13.23
CA THR B 79 0.54 4.03 -13.95
C THR B 79 -0.76 4.86 -13.95
N PRO B 80 -0.67 6.20 -14.08
CA PRO B 80 -1.95 6.89 -14.12
C PRO B 80 -2.76 6.51 -15.34
N GLU B 81 -2.13 6.50 -16.51
CA GLU B 81 -2.80 6.08 -17.74
C GLU B 81 -3.29 4.64 -17.76
N ARG B 82 -2.75 3.76 -16.93
CA ARG B 82 -3.35 2.46 -16.78
C ARG B 82 -4.61 2.52 -15.90
N GLN B 83 -4.56 3.29 -14.82
CA GLN B 83 -5.75 3.48 -14.02
C GLN B 83 -6.90 4.13 -14.82
N LYS B 84 -6.60 5.00 -15.80
CA LYS B 84 -7.63 5.53 -16.74
C LYS B 84 -8.37 4.42 -17.46
N LYS B 85 -7.59 3.56 -18.14
CA LYS B 85 -8.13 2.59 -19.10
C LYS B 85 -8.44 1.21 -18.50
N TYR B 86 -7.91 0.88 -17.33
CA TYR B 86 -8.10 -0.45 -16.76
C TYR B 86 -8.50 -0.39 -15.30
N ASP B 87 -8.85 -1.55 -14.77
CA ASP B 87 -9.05 -1.73 -13.36
C ASP B 87 -7.80 -2.34 -12.71
N PHE B 88 -7.37 -1.76 -11.59
CA PHE B 88 -6.33 -2.38 -10.77
C PHE B 88 -6.90 -2.97 -9.48
N SER B 89 -6.23 -3.96 -8.96
CA SER B 89 -6.55 -4.45 -7.66
C SER B 89 -5.85 -3.52 -6.68
N ILE B 90 -5.99 -3.86 -5.41
CA ILE B 90 -5.23 -3.22 -4.39
C ILE B 90 -3.79 -3.69 -4.64
N PRO B 91 -2.79 -2.82 -4.37
CA PRO B 91 -1.43 -3.32 -4.55
C PRO B 91 -1.12 -4.49 -3.61
N TYR B 92 -0.40 -5.46 -4.14
CA TYR B 92 0.00 -6.66 -3.42
C TYR B 92 1.52 -6.85 -3.26
N ILE B 93 2.33 -5.98 -3.86
CA ILE B 93 3.79 -6.02 -3.75
C ILE B 93 4.28 -4.71 -4.39
N ALA B 94 5.55 -4.32 -4.16
CA ALA B 94 6.20 -3.13 -4.78
C ALA B 94 7.65 -3.39 -5.15
N HIS B 95 8.24 -2.48 -5.89
CA HIS B 95 9.64 -2.60 -6.22
C HIS B 95 10.29 -1.23 -6.34
N ARG B 96 11.60 -1.19 -6.47
CA ARG B 96 12.40 0.01 -6.68
C ARG B 96 13.32 -0.24 -7.87
N VAL B 97 13.68 0.81 -8.61
CA VAL B 97 14.67 0.72 -9.64
C VAL B 97 16.04 0.87 -8.99
N LEU B 98 16.96 0.00 -9.37
CA LEU B 98 18.33 0.16 -9.00
C LEU B 98 19.14 0.47 -10.22
N LEU B 99 20.25 1.12 -10.01
CA LEU B 99 21.15 1.44 -11.09
C LEU B 99 22.39 0.64 -10.83
N VAL B 100 22.75 -0.21 -11.77
CA VAL B 100 23.90 -1.11 -11.60
C VAL B 100 24.97 -0.79 -12.66
N VAL B 101 26.23 -0.86 -12.26
CA VAL B 101 27.36 -0.48 -13.11
C VAL B 101 28.57 -1.36 -12.75
N ARG B 102 29.69 -1.18 -13.46
CA ARG B 102 30.89 -1.96 -13.15
C ARG B 102 31.50 -1.44 -11.88
N SER B 103 32.06 -2.34 -11.06
CA SER B 103 32.76 -1.94 -9.83
C SER B 103 33.77 -0.78 -10.01
N ASP B 104 34.46 -0.74 -11.15
CA ASP B 104 35.47 0.30 -11.43
C ASP B 104 34.93 1.57 -12.11
N GLN B 105 33.61 1.66 -12.31
CA GLN B 105 32.95 2.83 -12.91
C GLN B 105 32.99 4.02 -11.99
N GLN B 106 33.39 5.18 -12.50
CA GLN B 106 33.43 6.40 -11.65
C GLN B 106 32.65 7.60 -12.20
N ASP B 107 32.41 7.68 -13.49
CA ASP B 107 31.73 8.86 -14.05
C ASP B 107 30.22 8.84 -13.82
N ILE B 108 29.67 7.65 -13.63
CA ILE B 108 28.24 7.47 -13.41
C ILE B 108 27.95 7.11 -11.95
N ARG B 109 27.27 8.02 -11.25
CA ARG B 109 26.96 7.91 -9.81
C ARG B 109 25.50 8.16 -9.48
N SER B 110 24.66 8.31 -10.50
CA SER B 110 23.28 8.69 -10.27
C SER B 110 22.45 8.43 -11.52
N PHE B 111 21.15 8.27 -11.33
CA PHE B 111 20.19 8.30 -12.43
C PHE B 111 20.37 9.53 -13.35
N LYS B 112 20.74 10.65 -12.74
CA LYS B 112 21.08 11.89 -13.45
C LYS B 112 22.37 11.88 -14.32
N ASP B 113 23.13 10.79 -14.27
CA ASP B 113 24.37 10.71 -15.06
C ASP B 113 24.25 9.89 -16.35
N LEU B 114 23.04 9.55 -16.72
CA LEU B 114 22.81 8.53 -17.72
C LEU B 114 22.50 9.17 -19.07
N THR B 115 22.83 10.44 -19.21
CA THR B 115 22.29 11.19 -20.34
C THR B 115 23.25 10.89 -21.49
N ASP B 116 22.70 10.18 -22.48
CA ASP B 116 23.41 9.70 -23.69
C ASP B 116 24.32 8.52 -23.42
N LYS B 117 24.30 8.01 -22.20
CA LYS B 117 24.96 6.76 -21.89
C LYS B 117 24.03 5.61 -22.37
N THR B 118 24.63 4.47 -22.69
CA THR B 118 23.81 3.37 -23.16
C THR B 118 23.48 2.49 -21.96
N VAL B 119 22.20 2.22 -21.80
CA VAL B 119 21.70 1.60 -20.58
C VAL B 119 20.79 0.36 -20.85
N ALA B 120 21.16 -0.77 -20.28
CA ALA B 120 20.41 -2.00 -20.40
C ALA B 120 19.18 -1.99 -19.51
N GLN B 121 18.08 -2.55 -20.00
CA GLN B 121 16.91 -2.85 -19.18
C GLN B 121 16.49 -4.27 -19.57
N ILE B 122 16.13 -5.14 -18.63
CA ILE B 122 15.77 -6.51 -18.96
C ILE B 122 14.30 -6.52 -19.35
N LEU B 123 13.95 -7.13 -20.50
CA LEU B 123 12.54 -7.14 -20.90
C LEU B 123 11.74 -7.94 -19.88
N GLY B 124 10.52 -7.45 -19.68
CA GLY B 124 9.71 -7.86 -18.56
C GLY B 124 9.67 -6.73 -17.58
N THR B 125 10.80 -6.08 -17.32
CA THR B 125 10.90 -5.14 -16.18
C THR B 125 10.17 -3.82 -16.36
N ASP B 126 9.56 -3.59 -17.52
CA ASP B 126 8.66 -2.45 -17.72
C ASP B 126 9.29 -1.14 -17.31
N LEU B 127 10.50 -0.86 -17.78
CA LEU B 127 11.23 0.33 -17.35
C LEU B 127 11.44 1.40 -18.43
N SER B 128 10.99 1.14 -19.67
CA SER B 128 11.07 2.11 -20.78
C SER B 128 10.60 3.56 -20.45
N ARG B 129 9.43 3.77 -19.87
CA ARG B 129 8.95 5.16 -19.58
C ARG B 129 9.81 5.88 -18.54
N PHE B 130 10.12 5.21 -17.42
CA PHE B 130 11.03 5.78 -16.44
C PHE B 130 12.42 6.14 -17.04
N ALA B 131 12.85 5.41 -18.06
CA ALA B 131 14.16 5.57 -18.68
C ALA B 131 14.25 6.65 -19.80
N LYS B 132 13.09 7.11 -20.29
CA LYS B 132 13.05 8.15 -21.33
C LYS B 132 13.48 9.47 -20.72
N GLU B 133 13.05 9.67 -19.48
CA GLU B 133 13.21 10.94 -18.83
C GLU B 133 14.69 11.22 -18.56
N LEU B 134 15.56 10.26 -18.89
CA LEU B 134 16.78 10.06 -18.12
C LEU B 134 18.19 10.31 -18.70
N LYS B 135 18.42 10.59 -19.98
CA LYS B 135 17.63 10.28 -21.12
C LYS B 135 18.67 9.41 -21.83
N SER B 136 18.70 8.14 -21.44
CA SER B 136 19.72 7.21 -21.90
C SER B 136 19.35 6.66 -23.27
N HIS B 137 20.31 6.06 -23.93
CA HIS B 137 19.99 5.31 -25.11
C HIS B 137 19.93 3.86 -24.66
N LEU B 138 18.75 3.28 -24.85
CA LEU B 138 18.31 2.17 -24.07
C LEU B 138 18.47 0.88 -24.87
N VAL B 139 18.95 -0.20 -24.24
CA VAL B 139 18.99 -1.53 -24.88
C VAL B 139 18.29 -2.61 -24.04
N PHE B 140 17.84 -3.67 -24.70
CA PHE B 140 17.13 -4.72 -23.99
C PHE B 140 17.97 -6.00 -23.88
N SER B 141 17.99 -6.60 -22.69
CA SER B 141 18.70 -7.85 -22.41
C SER B 141 17.67 -8.96 -22.03
N HIS B 142 17.99 -10.24 -22.21
CA HIS B 142 17.00 -11.30 -21.89
C HIS B 142 16.88 -11.58 -20.39
N ASN B 143 17.96 -11.41 -19.66
CA ASN B 143 17.93 -11.66 -18.24
C ASN B 143 19.08 -10.85 -17.71
N PHE B 144 19.32 -10.95 -16.42
CA PHE B 144 20.33 -10.13 -15.81
C PHE B 144 21.71 -10.63 -16.18
N GLU B 145 21.88 -11.93 -16.36
CA GLU B 145 23.18 -12.48 -16.77
C GLU B 145 23.60 -11.88 -18.13
N GLN B 146 22.66 -11.84 -19.05
CA GLN B 146 22.94 -11.29 -20.34
C GLN B 146 23.44 -9.84 -20.18
N SER B 147 22.71 -9.01 -19.46
CA SER B 147 23.13 -7.64 -19.23
C SER B 147 24.50 -7.52 -18.60
N LEU B 148 24.81 -8.44 -17.70
CA LEU B 148 26.10 -8.44 -16.99
C LEU B 148 27.27 -8.67 -17.97
N GLN B 149 27.02 -9.50 -18.98
CA GLN B 149 28.00 -9.72 -20.06
C GLN B 149 28.24 -8.44 -20.89
N LEU B 150 27.20 -7.64 -21.07
CA LEU B 150 27.28 -6.40 -21.79
C LEU B 150 27.97 -5.37 -20.93
N LEU B 151 27.61 -5.38 -19.65
CA LEU B 151 28.16 -4.41 -18.72
C LEU B 151 29.68 -4.57 -18.67
N LEU B 152 30.13 -5.76 -18.29
CA LEU B 152 31.56 -6.04 -18.09
C LEU B 152 32.41 -5.99 -19.35
N SER B 153 31.82 -6.26 -20.52
CA SER B 153 32.54 -6.11 -21.78
C SER B 153 32.51 -4.64 -22.29
N LYS B 154 31.61 -3.82 -21.74
CA LYS B 154 31.55 -2.37 -22.02
C LYS B 154 30.64 -2.06 -23.22
N ARG B 155 29.87 -3.06 -23.64
CA ARG B 155 28.83 -2.86 -24.65
C ARG B 155 27.69 -2.02 -24.10
N THR B 156 27.68 -1.85 -22.77
CA THR B 156 26.82 -0.86 -22.05
C THR B 156 27.55 -0.15 -20.92
N ASP B 157 27.07 1.06 -20.59
CA ASP B 157 27.60 1.89 -19.50
C ASP B 157 26.90 1.60 -18.15
N ALA B 158 25.70 0.99 -18.20
CA ALA B 158 24.94 0.66 -16.98
C ALA B 158 23.77 -0.33 -17.26
N THR B 159 23.26 -1.00 -16.23
CA THR B 159 21.93 -1.63 -16.33
C THR B 159 20.96 -1.11 -15.24
N MET B 160 19.73 -0.81 -15.63
CA MET B 160 18.67 -0.43 -14.66
C MET B 160 17.75 -1.64 -14.47
N ILE B 161 17.66 -2.11 -13.22
CA ILE B 161 16.90 -3.30 -12.90
C ILE B 161 16.11 -3.12 -11.59
N PRO B 162 14.87 -3.65 -11.52
CA PRO B 162 14.18 -3.52 -10.26
C PRO B 162 14.82 -4.41 -9.20
N ASP B 163 14.75 -3.97 -7.95
CA ASP B 163 15.44 -4.60 -6.85
C ASP B 163 15.08 -6.03 -6.62
N ILE B 164 13.79 -6.37 -6.64
CA ILE B 164 13.35 -7.74 -6.39
C ILE B 164 14.19 -8.69 -7.24
N PRO B 165 14.18 -8.50 -8.56
CA PRO B 165 14.92 -9.44 -9.40
C PRO B 165 16.41 -9.37 -9.17
N PHE B 166 16.90 -8.17 -8.88
CA PHE B 166 18.31 -7.98 -8.56
C PHE B 166 18.77 -8.87 -7.40
N PHE B 167 18.02 -8.78 -6.31
CA PHE B 167 18.39 -9.47 -5.10
C PHE B 167 18.09 -10.93 -5.24
N ASN B 168 17.21 -11.28 -6.15
CA ASN B 168 16.97 -12.68 -6.44
C ASN B 168 18.16 -13.34 -7.09
N PHE B 169 18.67 -12.67 -8.12
CA PHE B 169 19.95 -13.01 -8.75
C PHE B 169 21.04 -13.18 -7.72
N LEU B 170 21.17 -12.26 -6.77
CA LEU B 170 22.20 -12.35 -5.76
C LEU B 170 22.07 -13.53 -4.82
N GLU B 171 20.87 -14.06 -4.65
CA GLU B 171 20.70 -15.24 -3.81
C GLU B 171 20.98 -16.49 -4.64
N ARG B 172 20.52 -16.51 -5.89
CA ARG B 172 20.85 -17.59 -6.79
C ARG B 172 22.38 -17.71 -6.95
N ARG B 173 23.08 -16.61 -7.22
CA ARG B 173 24.52 -16.66 -7.56
C ARG B 173 25.31 -15.82 -6.57
N PRO B 174 25.34 -16.26 -5.31
CA PRO B 174 25.78 -15.38 -4.28
C PRO B 174 27.27 -15.29 -4.09
N HIS B 175 28.09 -15.93 -4.93
CA HIS B 175 29.53 -15.71 -4.82
C HIS B 175 30.04 -15.36 -6.19
N ASP B 176 29.45 -14.27 -6.72
CA ASP B 176 29.61 -13.89 -8.13
C ASP B 176 30.48 -12.64 -8.33
N GLY B 177 31.74 -12.75 -7.92
CA GLY B 177 32.81 -11.88 -8.41
C GLY B 177 32.92 -10.48 -7.82
N ASN B 178 31.81 -9.94 -7.33
CA ASN B 178 31.68 -8.50 -7.10
C ASN B 178 32.17 -7.65 -8.27
N LEU B 179 31.83 -8.08 -9.48
CA LEU B 179 32.31 -7.41 -10.70
C LEU B 179 31.49 -6.13 -11.06
N PHE B 180 30.37 -5.96 -10.35
CA PHE B 180 29.39 -4.90 -10.55
C PHE B 180 28.93 -4.28 -9.21
N LYS B 181 28.25 -3.13 -9.29
CA LYS B 181 27.72 -2.43 -8.11
C LYS B 181 26.46 -1.55 -8.33
N ILE B 182 25.81 -1.19 -7.23
CA ILE B 182 24.67 -0.31 -7.24
C ILE B 182 25.22 1.10 -7.15
N ALA B 183 24.86 1.97 -8.09
CA ALA B 183 25.33 3.34 -8.11
C ALA B 183 24.28 4.35 -7.67
N ASP B 184 23.02 3.96 -7.77
CA ASP B 184 21.91 4.81 -7.30
C ASP B 184 20.71 3.90 -7.11
N ARG B 185 19.75 4.38 -6.34
CA ARG B 185 18.56 3.61 -5.99
C ARG B 185 17.38 4.56 -5.99
N MET B 186 16.26 4.14 -6.55
CA MET B 186 15.07 4.96 -6.47
C MET B 186 14.69 5.19 -5.02
N LYS B 187 14.53 6.45 -4.63
CA LYS B 187 14.21 6.79 -3.23
C LYS B 187 12.82 6.27 -2.84
N ASP B 188 11.80 6.77 -3.53
CA ASP B 188 10.42 6.27 -3.44
C ASP B 188 10.32 4.86 -4.11
N ASN B 189 9.23 4.14 -3.87
CA ASN B 189 9.04 2.84 -4.49
C ASN B 189 7.71 2.81 -5.25
N SER B 190 7.56 1.80 -6.11
CA SER B 190 6.47 1.72 -7.10
C SER B 190 5.46 0.54 -6.88
N ALA B 191 4.20 0.84 -6.56
CA ALA B 191 3.19 -0.18 -6.36
C ALA B 191 2.91 -1.09 -7.57
N VAL B 192 2.62 -2.36 -7.30
CA VAL B 192 2.36 -3.37 -8.34
C VAL B 192 1.08 -4.13 -7.95
N ALA B 193 0.28 -4.50 -8.94
CA ALA B 193 -1.07 -5.05 -8.71
C ALA B 193 -1.58 -5.90 -9.89
N PHE B 194 -2.76 -6.47 -9.71
CA PHE B 194 -3.40 -7.29 -10.76
C PHE B 194 -4.20 -6.36 -11.67
N MET B 195 -4.12 -6.55 -12.98
CA MET B 195 -4.84 -5.67 -13.88
C MET B 195 -5.96 -6.43 -14.59
N MET B 196 -7.13 -5.78 -14.69
CA MET B 196 -8.34 -6.29 -15.37
C MET B 196 -8.84 -5.25 -16.39
N ARG B 197 -9.66 -5.66 -17.34
CA ARG B 197 -10.32 -4.69 -18.21
C ARG B 197 -11.13 -3.72 -17.36
N LYS B 198 -11.32 -2.52 -17.88
CA LYS B 198 -12.21 -1.57 -17.22
C LYS B 198 -13.61 -2.19 -17.10
N GLY B 199 -14.29 -1.98 -15.98
CA GLY B 199 -15.66 -2.51 -15.80
C GLY B 199 -15.80 -3.77 -14.96
N ASN B 200 -14.78 -4.62 -15.00
CA ASN B 200 -14.72 -5.80 -14.12
C ASN B 200 -14.65 -5.33 -12.66
N ASN B 201 -15.81 -5.05 -12.08
CA ASN B 201 -15.92 -4.44 -10.75
C ASN B 201 -16.31 -5.44 -9.66
N LYS B 202 -17.20 -6.37 -9.97
CA LYS B 202 -17.49 -7.46 -9.04
C LYS B 202 -16.22 -8.25 -8.82
N LEU B 203 -15.48 -8.43 -9.90
CA LEU B 203 -14.23 -9.17 -9.87
C LEU B 203 -13.09 -8.46 -9.12
N THR B 204 -12.98 -7.14 -9.25
CA THR B 204 -11.96 -6.37 -8.52
C THR B 204 -12.20 -6.39 -6.98
N ARG B 205 -13.44 -6.18 -6.55
CA ARG B 205 -13.76 -6.16 -5.11
C ARG B 205 -13.55 -7.53 -4.41
N SER B 206 -13.78 -8.62 -5.12
CA SER B 206 -13.50 -9.95 -4.56
C SER B 206 -12.00 -10.17 -4.41
N ILE B 207 -11.27 -9.88 -5.47
CA ILE B 207 -9.85 -10.05 -5.40
C ILE B 207 -9.40 -9.30 -4.16
N ASN B 208 -9.78 -8.01 -4.15
CA ASN B 208 -9.46 -7.10 -3.06
C ASN B 208 -9.81 -7.70 -1.71
N GLU B 209 -11.01 -8.27 -1.66
CA GLU B 209 -11.53 -8.84 -0.43
C GLU B 209 -10.71 -10.03 0.02
N ILE B 210 -10.36 -10.90 -0.93
CA ILE B 210 -9.56 -12.08 -0.61
C ILE B 210 -8.17 -11.70 -0.18
N LEU B 211 -7.60 -10.70 -0.86
CA LEU B 211 -6.25 -10.21 -0.54
C LEU B 211 -6.21 -9.67 0.87
N CYS B 212 -7.28 -9.02 1.26
CA CYS B 212 -7.39 -8.59 2.64
C CYS B 212 -7.40 -9.82 3.60
N ALA B 213 -8.26 -10.80 3.33
CA ALA B 213 -8.34 -12.04 4.16
C ALA B 213 -7.08 -12.94 4.14
N ILE B 214 -6.36 -12.89 3.05
CA ILE B 214 -5.07 -13.55 2.95
C ILE B 214 -4.02 -12.88 3.90
N HIS B 215 -4.05 -11.55 4.00
CA HIS B 215 -3.12 -10.80 4.84
C HIS B 215 -3.35 -11.12 6.31
N LEU B 216 -4.61 -11.00 6.73
CA LEU B 216 -5.07 -11.34 8.10
C LEU B 216 -4.66 -12.74 8.61
N ASP B 217 -5.08 -13.79 7.91
CA ASP B 217 -4.89 -15.17 8.38
C ASP B 217 -3.44 -15.66 8.28
N GLY B 218 -2.55 -14.86 7.70
CA GLY B 218 -1.12 -15.15 7.74
C GLY B 218 -0.54 -15.75 6.47
N THR B 219 -1.33 -15.82 5.42
CA THR B 219 -0.88 -16.45 4.19
C THR B 219 -0.04 -15.51 3.31
N TYR B 220 -0.41 -14.24 3.20
CA TYR B 220 0.43 -13.27 2.52
C TYR B 220 1.86 -13.35 3.04
N LYS B 221 2.06 -13.47 4.36
CA LYS B 221 3.43 -13.58 4.92
C LYS B 221 4.12 -14.84 4.47
N LYS B 222 3.43 -15.97 4.68
CA LYS B 222 3.90 -17.28 4.29
C LYS B 222 4.44 -17.18 2.88
N ILE B 223 3.57 -16.81 1.95
CA ILE B 223 3.92 -16.76 0.51
C ILE B 223 5.07 -15.80 0.21
N PHE B 224 5.09 -14.65 0.89
CA PHE B 224 6.12 -13.66 0.74
C PHE B 224 7.48 -14.18 1.17
N ASP B 225 7.56 -14.78 2.36
CA ASP B 225 8.80 -15.35 2.88
C ASP B 225 9.35 -16.48 2.00
N ARG B 226 8.46 -17.20 1.30
CA ARG B 226 8.87 -18.22 0.35
C ARG B 226 9.72 -17.69 -0.79
N TYR B 227 9.55 -16.41 -1.11
CA TYR B 227 10.25 -15.79 -2.24
C TYR B 227 11.12 -14.58 -1.87
N PHE B 228 10.74 -13.75 -0.91
CA PHE B 228 11.56 -12.54 -0.65
C PHE B 228 12.17 -12.49 0.73
N ASP B 229 13.33 -11.83 0.82
CA ASP B 229 13.86 -11.42 2.11
C ASP B 229 13.12 -10.17 2.58
N LYS B 230 12.36 -10.31 3.66
CA LYS B 230 11.62 -9.21 4.31
C LYS B 230 12.48 -7.98 4.67
N ASN B 231 13.79 -8.17 4.81
CA ASN B 231 14.70 -7.12 5.24
C ASN B 231 15.01 -6.14 4.12
N ILE B 232 14.88 -6.62 2.88
CA ILE B 232 15.29 -5.86 1.71
C ILE B 232 14.13 -5.43 0.88
N ILE B 233 13.29 -6.40 0.54
CA ILE B 233 12.17 -6.21 -0.36
C ILE B 233 11.02 -5.60 0.41
N SER B 234 10.42 -4.56 -0.16
CA SER B 234 9.30 -3.88 0.48
C SER B 234 8.04 -4.74 0.32
N SER B 235 7.34 -4.92 1.43
CA SER B 235 5.98 -5.39 1.39
C SER B 235 4.99 -4.18 1.29
N VAL B 236 3.70 -4.52 1.21
CA VAL B 236 2.63 -3.55 1.22
C VAL B 236 1.95 -3.62 2.58
N PRO B 237 0.86 -2.89 2.78
CA PRO B 237 0.26 -2.92 4.11
C PRO B 237 -0.63 -4.09 4.39
N GLY B 238 -0.87 -4.37 5.66
CA GLY B 238 -1.87 -5.37 6.02
C GLY B 238 -3.28 -4.83 5.90
N CYS B 239 -4.21 -5.48 6.59
CA CYS B 239 -5.64 -5.16 6.54
C CYS B 239 -6.19 -5.19 7.95
N SER B 240 -7.50 -5.06 8.09
CA SER B 240 -8.15 -5.13 9.42
C SER B 240 -9.35 -6.09 9.38
N SER B 241 -9.68 -6.69 10.52
CA SER B 241 -10.76 -7.70 10.57
C SER B 241 -12.12 -7.11 10.26
C1 EDO C . 6.48 17.10 12.36
O1 EDO C . 5.14 17.49 12.03
C2 EDO C . 6.56 15.59 12.19
O2 EDO C . 5.35 14.97 12.67
S SO4 D . 2.74 18.21 28.25
O1 SO4 D . 3.00 18.87 29.56
O2 SO4 D . 2.00 16.96 28.51
O3 SO4 D . 2.01 19.16 27.38
O4 SO4 D . 4.00 17.87 27.55
S SO4 E . -13.69 24.65 6.91
O1 SO4 E . -13.97 26.09 6.59
O2 SO4 E . -13.41 24.50 8.35
O3 SO4 E . -14.88 23.82 6.58
O4 SO4 E . -12.49 24.22 6.14
N ARG F . -12.22 3.89 12.09
CA ARG F . -12.25 2.42 11.86
C ARG F . -12.78 1.79 13.08
O ARG F . -13.98 1.64 13.19
CB ARG F . -10.88 1.87 11.50
CG ARG F . -9.79 2.08 12.56
CD ARG F . -9.38 0.77 13.23
NE ARG F . -8.28 0.14 12.49
CZ ARG F . -8.03 -1.17 12.45
NH1 ARG F . -6.99 -1.59 11.74
NH2 ARG F . -8.81 -2.04 13.09
OXT ARG F . -12.10 1.41 14.01
C1 EDO G . -14.33 23.90 -9.10
O1 EDO G . -13.05 24.56 -9.00
C2 EDO G . -15.00 24.15 -10.45
O2 EDO G . -16.25 24.83 -10.27
C1 EDO H . -15.24 5.52 11.91
O1 EDO H . -15.09 4.11 12.06
C2 EDO H . -14.74 6.01 10.56
O2 EDO H . -14.38 4.87 9.77
C1 EDO I . -12.36 11.30 11.20
O1 EDO I . -12.71 11.80 9.89
C2 EDO I . -10.87 11.03 11.20
O2 EDO I . -10.66 9.64 11.39
C1 EDO J . -7.43 30.49 23.05
O1 EDO J . -6.23 30.03 23.66
C2 EDO J . -8.00 31.60 23.89
O2 EDO J . -7.30 32.82 23.63
C1 EDO K . -24.89 8.40 -6.24
O1 EDO K . -23.98 9.51 -6.17
C2 EDO K . -24.08 7.12 -6.34
O2 EDO K . -24.19 6.41 -5.10
C1 EDO L . -1.35 5.62 -5.20
O1 EDO L . -1.70 5.83 -3.81
C2 EDO L . 0.03 4.97 -5.36
O2 EDO L . -0.02 3.53 -5.36
C1 EDO M . -21.43 -3.71 31.45
O1 EDO M . -20.91 -3.42 32.74
C2 EDO M . -20.89 -5.06 31.02
O2 EDO M . -19.48 -4.93 30.78
C1 EDO N . -3.04 25.48 13.38
O1 EDO N . -3.27 26.89 13.24
C2 EDO N . -2.82 25.12 14.83
O2 EDO N . -1.81 25.99 15.36
C1 EDO O . -0.39 20.94 -1.07
O1 EDO O . -1.37 20.99 0.00
C2 EDO O . 0.46 22.21 -1.10
O2 EDO O . 0.09 23.08 -2.20
C ACT P . -6.62 -4.95 13.36
O ACT P . -7.47 -4.22 13.95
OXT ACT P . -5.48 -4.52 13.10
CH3 ACT P . -6.98 -6.38 12.97
S SO4 Q . 9.10 -4.21 -21.04
O1 SO4 Q . 9.92 -2.99 -20.84
O2 SO4 Q . 8.49 -4.73 -19.78
O3 SO4 Q . 8.01 -3.97 -21.97
O4 SO4 Q . 10.00 -5.19 -21.72
S SO4 R . 9.41 -0.23 2.89
O1 SO4 R . 9.21 1.20 2.51
O2 SO4 R . 9.50 -0.44 4.36
O3 SO4 R . 8.27 -1.07 2.44
O4 SO4 R . 10.67 -0.73 2.27
C1 EDO S . 28.79 -20.05 -5.17
O1 EDO S . 30.00 -20.11 -4.39
C2 EDO S . 27.57 -20.10 -4.24
O2 EDO S . 27.71 -21.12 -3.23
C ACT T . 6.37 -21.83 3.12
O ACT T . 5.45 -22.65 3.42
OXT ACT T . 7.03 -21.99 2.07
CH3 ACT T . 6.67 -20.63 3.97
C ACT U . -4.14 -4.78 1.70
O ACT U . -5.06 -4.60 2.54
OXT ACT U . -3.10 -4.08 1.72
CH3 ACT U . -4.24 -5.84 0.64
C ACT V . 14.40 -15.80 0.48
O ACT V . 13.35 -15.54 -0.14
OXT ACT V . 15.36 -14.99 0.51
CH3 ACT V . 14.47 -17.15 1.17
C ACT W . 0.47 1.46 -20.75
O ACT W . 1.02 2.47 -20.24
OXT ACT W . 1.14 0.42 -21.02
CH3 ACT W . -1.02 1.52 -21.02
#